data_3AY7
#
_entry.id   3AY7
#
_cell.length_a   65.116
_cell.length_b   128.260
_cell.length_c   64.641
_cell.angle_alpha   90.00
_cell.angle_beta   110.73
_cell.angle_gamma   90.00
#
_symmetry.space_group_name_H-M   'C 1 2 1'
#
loop_
_entity.id
_entity.type
_entity.pdbx_description
1 polymer 'Glucose 1-dehydrogenase 4'
2 non-polymer 'CHLORIDE ION'
3 water water
#
_entity_poly.entity_id   1
_entity_poly.type   'polypeptide(L)'
_entity_poly.pdbx_seq_one_letter_code
;MGHHHHHHMYTDLKDKVVVITGGSTGLGRAMAVRFGQEEAKVVINYYNNEEEALDAKKEVEEAGGQAIIVQGDVTKEEDV
VNLVQTAIKEFGTLDVMINNAGVENPVPSHELSLDNWNKVIDTNLTGAFLGSREAIKYFVENDIKGNVINMSSVHEMIPW
PLFVHYAASKGGMKLMTETLALEYAPKGIRVNNIGPGAMNTPINAEKFADPVQRADVESMIPMGYIGKPEEVAAVAAFLA
SSQASYVTGITLFADGGMTKYPSFQAARG
;
_entity_poly.pdbx_strand_id   A,B
#
# COMPACT_ATOMS: atom_id res chain seq x y z
N HIS A 8 -24.89 22.27 18.85
CA HIS A 8 -23.97 21.48 17.98
C HIS A 8 -24.67 20.32 17.25
N MET A 9 -23.94 19.71 16.31
CA MET A 9 -24.53 18.88 15.27
C MET A 9 -24.74 17.39 15.60
N TYR A 10 -23.66 16.71 15.98
CA TYR A 10 -23.71 15.27 16.27
C TYR A 10 -23.75 14.98 17.77
N THR A 11 -24.97 14.89 18.29
CA THR A 11 -25.15 14.78 19.74
C THR A 11 -24.55 13.50 20.31
N ASP A 12 -24.42 12.47 19.46
CA ASP A 12 -23.85 11.19 19.88
C ASP A 12 -22.35 11.25 20.10
N LEU A 13 -21.72 12.33 19.64
CA LEU A 13 -20.28 12.51 19.83
C LEU A 13 -19.94 13.13 21.19
N LYS A 14 -20.96 13.66 21.87
CA LYS A 14 -20.73 14.25 23.20
C LYS A 14 -20.03 13.26 24.10
N ASP A 15 -18.90 13.69 24.67
CA ASP A 15 -18.13 12.94 25.65
C ASP A 15 -17.39 11.71 25.11
N LYS A 16 -17.37 11.54 23.78
CA LYS A 16 -16.62 10.45 23.17
C LYS A 16 -15.14 10.80 23.23
N VAL A 17 -14.30 9.79 23.47
CA VAL A 17 -12.85 9.98 23.54
C VAL A 17 -12.25 9.78 22.14
N VAL A 18 -11.62 10.82 21.62
CA VAL A 18 -11.08 10.82 20.26
C VAL A 18 -9.57 11.07 20.29
N VAL A 19 -8.80 10.09 19.82
CA VAL A 19 -7.35 10.21 19.75
C VAL A 19 -6.94 10.62 18.33
N ILE A 20 -6.11 11.67 18.22
CA ILE A 20 -5.69 12.14 16.89
C ILE A 20 -4.17 12.24 16.83
N THR A 21 -3.54 11.40 16.01
CA THR A 21 -2.10 11.53 15.79
C THR A 21 -1.83 12.73 14.88
N GLY A 22 -0.73 13.43 15.15
CA GLY A 22 -0.42 14.69 14.47
C GLY A 22 -1.53 15.70 14.62
N GLY A 23 -2.11 15.78 15.82
CA GLY A 23 -3.34 16.55 16.03
C GLY A 23 -3.17 18.01 16.37
N SER A 24 -1.94 18.50 16.29
CA SER A 24 -1.64 19.88 16.70
C SER A 24 -1.50 20.88 15.57
N THR A 25 -1.46 20.39 14.33
CA THR A 25 -1.30 21.24 13.15
C THR A 25 -2.23 20.75 12.05
N GLY A 26 -2.56 21.65 11.11
CA GLY A 26 -3.22 21.28 9.87
C GLY A 26 -4.54 20.56 10.02
N LEU A 27 -4.69 19.43 9.32
CA LEU A 27 -5.93 18.69 9.34
C LEU A 27 -6.19 18.10 10.71
N GLY A 28 -5.13 17.60 11.33
CA GLY A 28 -5.22 17.02 12.67
C GLY A 28 -5.80 18.02 13.65
N ARG A 29 -5.29 19.25 13.62
CA ARG A 29 -5.79 20.32 14.48
C ARG A 29 -7.25 20.66 14.20
N ALA A 30 -7.60 20.79 12.91
CA ALA A 30 -8.96 21.13 12.53
C ALA A 30 -9.95 20.07 13.00
N MET A 31 -9.54 18.81 12.98
CA MET A 31 -10.39 17.73 13.46
C MET A 31 -10.54 17.81 14.99
N ALA A 32 -9.43 18.10 15.68
CA ALA A 32 -9.44 18.24 17.15
C ALA A 32 -10.46 19.29 17.58
N VAL A 33 -10.42 20.45 16.92
CA VAL A 33 -11.34 21.55 17.20
C VAL A 33 -12.79 21.18 16.88
N ARG A 34 -13.03 20.58 15.72
CA ARG A 34 -14.37 20.16 15.33
C ARG A 34 -14.98 19.18 16.32
N PHE A 35 -14.20 18.20 16.76
CA PHE A 35 -14.66 17.27 17.77
C PHE A 35 -14.87 17.98 19.13
N GLY A 36 -14.06 19.00 19.38
CA GLY A 36 -14.30 19.91 20.49
C GLY A 36 -15.66 20.60 20.39
N GLN A 37 -16.01 21.06 19.19
CA GLN A 37 -17.31 21.67 18.96
C GLN A 37 -18.47 20.71 19.24
N GLU A 38 -18.18 19.41 19.16
CA GLU A 38 -19.17 18.35 19.42
C GLU A 38 -19.10 17.88 20.86
N GLU A 39 -18.37 18.63 21.69
CA GLU A 39 -18.23 18.34 23.13
C GLU A 39 -17.53 17.02 23.40
N ALA A 40 -16.68 16.60 22.46
CA ALA A 40 -15.91 15.38 22.62
C ALA A 40 -14.71 15.61 23.54
N LYS A 41 -14.09 14.51 23.95
CA LYS A 41 -12.87 14.56 24.72
C LYS A 41 -11.71 14.13 23.81
N VAL A 42 -10.86 15.09 23.47
CA VAL A 42 -9.84 14.90 22.46
C VAL A 42 -8.47 14.63 23.09
N VAL A 43 -7.74 13.69 22.51
CA VAL A 43 -6.37 13.41 22.91
C VAL A 43 -5.45 13.78 21.76
N ILE A 44 -4.68 14.86 21.95
CA ILE A 44 -3.84 15.41 20.90
C ILE A 44 -2.42 14.82 20.95
N ASN A 45 -2.09 14.00 19.97
CA ASN A 45 -0.71 13.55 19.81
C ASN A 45 0.09 14.58 19.02
N TYR A 46 1.36 14.76 19.38
CA TYR A 46 2.27 15.66 18.66
C TYR A 46 3.66 15.07 18.67
N TYR A 47 4.48 15.44 17.69
CA TYR A 47 5.82 14.92 17.55
C TYR A 47 6.85 15.67 18.42
N ASN A 48 6.95 17.00 18.25
CA ASN A 48 7.91 17.78 19.04
C ASN A 48 7.48 19.19 19.45
N ASN A 49 6.61 19.81 18.67
CA ASN A 49 6.22 21.20 18.94
C ASN A 49 5.09 21.32 19.98
N GLU A 50 5.49 21.35 21.25
CA GLU A 50 4.57 21.45 22.38
C GLU A 50 3.69 22.71 22.33
N GLU A 51 4.26 23.83 21.87
CA GLU A 51 3.53 25.10 21.86
C GLU A 51 2.26 24.99 21.00
N GLU A 52 2.41 24.46 19.79
CA GLU A 52 1.27 24.24 18.89
C GLU A 52 0.26 23.29 19.53
N ALA A 53 0.76 22.21 20.12
CA ALA A 53 -0.08 21.24 20.82
C ALA A 53 -0.88 21.89 21.93
N LEU A 54 -0.20 22.68 22.76
CA LEU A 54 -0.86 23.45 23.81
C LEU A 54 -1.86 24.46 23.22
N ASP A 55 -1.47 25.13 22.14
CA ASP A 55 -2.37 26.00 21.37
C ASP A 55 -3.63 25.24 20.95
N ALA A 56 -3.43 24.06 20.37
CA ALA A 56 -4.54 23.21 19.93
C ALA A 56 -5.39 22.78 21.13
N LYS A 57 -4.72 22.38 22.21
CA LYS A 57 -5.40 22.00 23.45
C LYS A 57 -6.47 23.02 23.89
N LYS A 58 -6.11 24.30 23.90
CA LYS A 58 -7.05 25.35 24.35
C LYS A 58 -8.17 25.63 23.36
N GLU A 59 -7.88 25.54 22.06
CA GLU A 59 -8.91 25.66 21.03
C GLU A 59 -10.05 24.67 21.25
N VAL A 60 -9.69 23.41 21.50
CA VAL A 60 -10.69 22.36 21.76
C VAL A 60 -11.54 22.74 22.97
N GLU A 61 -10.87 23.13 24.05
CA GLU A 61 -11.53 23.57 25.29
C GLU A 61 -12.42 24.80 25.07
N GLU A 62 -11.89 25.78 24.32
CA GLU A 62 -12.63 26.99 23.99
C GLU A 62 -13.82 26.74 23.05
N ALA A 63 -13.70 25.72 22.20
CA ALA A 63 -14.79 25.32 21.31
C ALA A 63 -15.88 24.56 22.06
N GLY A 64 -15.54 24.01 23.22
CA GLY A 64 -16.52 23.37 24.09
C GLY A 64 -16.24 21.93 24.49
N GLY A 65 -14.98 21.49 24.38
CA GLY A 65 -14.62 20.11 24.70
C GLY A 65 -13.53 19.99 25.75
N GLN A 66 -13.17 18.75 26.10
CA GLN A 66 -12.00 18.49 26.95
C GLN A 66 -10.84 18.03 26.06
N ALA A 67 -9.62 18.28 26.53
CA ALA A 67 -8.43 17.92 25.74
C ALA A 67 -7.16 17.74 26.56
N ILE A 68 -6.42 16.68 26.23
CA ILE A 68 -5.06 16.50 26.72
C ILE A 68 -4.11 16.46 25.54
N ILE A 69 -2.84 16.67 25.81
CA ILE A 69 -1.82 16.55 24.77
C ILE A 69 -0.85 15.46 25.21
N VAL A 70 -0.30 14.72 24.26
CA VAL A 70 0.60 13.60 24.55
C VAL A 70 1.66 13.53 23.46
N GLN A 71 2.93 13.59 23.86
CA GLN A 71 4.04 13.50 22.91
C GLN A 71 4.22 12.06 22.46
N GLY A 72 4.53 11.87 21.18
CA GLY A 72 4.77 10.54 20.62
C GLY A 72 5.17 10.58 19.15
N ASP A 73 6.11 9.71 18.79
CA ASP A 73 6.57 9.54 17.42
C ASP A 73 5.90 8.25 16.94
N VAL A 74 5.09 8.35 15.89
CA VAL A 74 4.33 7.19 15.40
C VAL A 74 5.19 6.08 14.77
N THR A 75 6.46 6.36 14.49
CA THR A 75 7.37 5.30 14.06
C THR A 75 7.87 4.45 15.23
N LYS A 76 7.54 4.86 16.46
CA LYS A 76 7.94 4.14 17.67
C LYS A 76 6.74 3.43 18.29
N GLU A 77 6.82 2.11 18.34
CA GLU A 77 5.71 1.29 18.83
C GLU A 77 5.28 1.68 20.25
N GLU A 78 6.25 1.82 21.16
CA GLU A 78 5.96 2.24 22.54
C GLU A 78 5.18 3.56 22.64
N ASP A 79 5.51 4.53 21.78
CA ASP A 79 4.79 5.81 21.74
C ASP A 79 3.31 5.64 21.33
N VAL A 80 3.06 4.81 20.33
CA VAL A 80 1.68 4.55 19.91
C VAL A 80 0.92 3.83 21.03
N VAL A 81 1.55 2.80 21.59
CA VAL A 81 0.96 2.08 22.73
C VAL A 81 0.68 3.02 23.90
N ASN A 82 1.67 3.84 24.27
CA ASN A 82 1.53 4.83 25.34
C ASN A 82 0.42 5.82 25.06
N LEU A 83 0.27 6.25 23.79
CA LEU A 83 -0.77 7.19 23.42
C LEU A 83 -2.17 6.67 23.75
N VAL A 84 -2.46 5.45 23.32
CA VAL A 84 -3.76 4.83 23.54
C VAL A 84 -3.99 4.55 25.04
N GLN A 85 -2.95 4.08 25.71
CA GLN A 85 -3.00 3.87 27.17
C GLN A 85 -3.28 5.15 27.94
N THR A 86 -2.62 6.26 27.55
CA THR A 86 -2.84 7.57 28.18
C THR A 86 -4.28 8.03 28.02
N ALA A 87 -4.81 7.90 26.80
CA ALA A 87 -6.20 8.24 26.50
C ALA A 87 -7.17 7.53 27.43
N ILE A 88 -6.95 6.24 27.64
CA ILE A 88 -7.82 5.43 28.50
C ILE A 88 -7.65 5.83 29.99
N LYS A 89 -6.41 5.94 30.44
CA LYS A 89 -6.10 6.41 31.81
C LYS A 89 -6.81 7.74 32.09
N GLU A 90 -6.51 8.75 31.27
CA GLU A 90 -7.06 10.08 31.49
C GLU A 90 -8.57 10.20 31.37
N PHE A 91 -9.16 9.63 30.32
CA PHE A 91 -10.58 9.86 30.04
C PHE A 91 -11.48 8.66 30.30
N GLY A 92 -10.88 7.52 30.60
CA GLY A 92 -11.63 6.34 31.04
C GLY A 92 -11.94 5.31 29.97
N THR A 93 -11.81 5.71 28.71
CA THR A 93 -12.15 4.84 27.57
C THR A 93 -11.56 5.37 26.25
N LEU A 94 -11.87 4.70 25.15
CA LEU A 94 -11.49 5.16 23.82
C LEU A 94 -12.67 4.86 22.90
N ASP A 95 -13.05 5.82 22.06
CA ASP A 95 -14.20 5.62 21.14
C ASP A 95 -13.81 5.73 19.67
N VAL A 96 -12.94 6.69 19.36
CA VAL A 96 -12.59 7.03 17.98
C VAL A 96 -11.07 7.19 17.90
N MET A 97 -10.45 6.44 16.99
CA MET A 97 -9.03 6.53 16.73
C MET A 97 -8.78 7.15 15.37
N ILE A 98 -8.03 8.27 15.34
CA ILE A 98 -7.71 8.98 14.10
C ILE A 98 -6.19 9.00 13.81
N ASN A 99 -5.78 8.19 12.82
CA ASN A 99 -4.37 8.11 12.45
C ASN A 99 -4.10 9.11 11.34
N ASN A 100 -3.59 10.29 11.75
CA ASN A 100 -3.47 11.42 10.84
C ASN A 100 -2.02 11.80 10.49
N ALA A 101 -1.06 11.36 11.30
CA ALA A 101 0.36 11.66 11.06
C ALA A 101 0.79 11.26 9.65
N GLY A 102 1.53 12.14 8.99
CA GLY A 102 2.02 11.88 7.66
C GLY A 102 3.21 12.76 7.32
N VAL A 103 4.16 12.22 6.56
CA VAL A 103 5.29 12.99 6.02
C VAL A 103 5.50 12.72 4.52
N GLU A 104 6.15 13.65 3.83
CA GLU A 104 6.34 13.57 2.38
C GLU A 104 7.53 14.40 1.95
N ASN A 105 8.18 13.98 0.86
CA ASN A 105 9.19 14.80 0.21
C ASN A 105 9.43 14.33 -1.23
N PRO A 106 9.66 15.28 -2.17
CA PRO A 106 9.86 14.92 -3.58
C PRO A 106 11.28 14.44 -3.89
N VAL A 107 11.38 13.28 -4.56
CA VAL A 107 12.65 12.70 -5.00
C VAL A 107 12.36 11.91 -6.28
N PRO A 108 13.16 12.11 -7.34
CA PRO A 108 13.00 11.18 -8.47
C PRO A 108 13.06 9.75 -7.95
N SER A 109 12.15 8.90 -8.41
CA SER A 109 11.95 7.58 -7.80
C SER A 109 13.18 6.67 -7.89
N HIS A 110 13.87 6.68 -9.02
CA HIS A 110 15.07 5.86 -9.19
C HIS A 110 16.24 6.33 -8.30
N GLU A 111 16.10 7.53 -7.75
CA GLU A 111 17.06 8.14 -6.84
C GLU A 111 16.65 8.11 -5.37
N LEU A 112 15.45 7.62 -5.09
CA LEU A 112 14.93 7.63 -3.73
C LEU A 112 15.67 6.58 -2.91
N SER A 113 16.24 7.02 -1.79
CA SER A 113 17.00 6.13 -0.89
C SER A 113 16.09 5.18 -0.12
N LEU A 114 16.63 4.04 0.29
CA LEU A 114 15.89 3.11 1.15
C LEU A 114 15.48 3.76 2.48
N ASP A 115 16.36 4.57 3.06
CA ASP A 115 16.05 5.24 4.34
C ASP A 115 14.89 6.21 4.19
N ASN A 116 14.87 6.92 3.07
CA ASN A 116 13.81 7.88 2.78
C ASN A 116 12.48 7.17 2.52
N TRP A 117 12.51 6.11 1.72
CA TRP A 117 11.34 5.25 1.51
C TRP A 117 10.78 4.77 2.86
N ASN A 118 11.63 4.14 3.67
CA ASN A 118 11.22 3.63 4.99
C ASN A 118 10.62 4.68 5.92
N LYS A 119 11.20 5.88 5.96
CA LYS A 119 10.68 6.93 6.84
C LYS A 119 9.22 7.23 6.50
N VAL A 120 8.93 7.31 5.22
CA VAL A 120 7.58 7.61 4.75
C VAL A 120 6.64 6.41 4.96
N ILE A 121 7.07 5.21 4.59
CA ILE A 121 6.27 3.99 4.86
C ILE A 121 6.01 3.82 6.38
N ASP A 122 7.09 3.85 7.17
CA ASP A 122 6.98 3.74 8.64
C ASP A 122 6.02 4.74 9.27
N THR A 123 6.07 6.00 8.83
CA THR A 123 5.23 7.04 9.40
C THR A 123 3.78 6.96 8.90
N ASN A 124 3.63 6.86 7.59
CA ASN A 124 2.33 7.04 6.96
C ASN A 124 1.50 5.78 7.00
N LEU A 125 2.15 4.64 6.81
CA LEU A 125 1.43 3.38 6.74
C LEU A 125 1.52 2.59 8.05
N THR A 126 2.74 2.24 8.43
CA THR A 126 2.94 1.46 9.66
C THR A 126 2.41 2.17 10.93
N GLY A 127 2.64 3.48 11.03
CA GLY A 127 2.06 4.25 12.12
C GLY A 127 0.54 4.07 12.25
N ALA A 128 -0.15 4.09 11.11
CA ALA A 128 -1.61 3.92 11.08
C ALA A 128 -2.02 2.48 11.41
N PHE A 129 -1.22 1.51 10.95
CA PHE A 129 -1.44 0.13 11.35
C PHE A 129 -1.35 0.04 12.89
N LEU A 130 -0.27 0.56 13.45
CA LEU A 130 -0.07 0.51 14.91
C LEU A 130 -1.22 1.17 15.68
N GLY A 131 -1.64 2.35 15.23
CA GLY A 131 -2.76 3.06 15.86
C GLY A 131 -4.07 2.32 15.75
N SER A 132 -4.32 1.76 14.56
CA SER A 132 -5.55 1.04 14.29
C SER A 132 -5.58 -0.21 15.16
N ARG A 133 -4.44 -0.88 15.24
CA ARG A 133 -4.30 -2.14 15.97
C ARG A 133 -4.58 -1.92 17.45
N GLU A 134 -3.89 -0.93 18.02
CA GLU A 134 -4.06 -0.62 19.44
C GLU A 134 -5.49 -0.23 19.79
N ALA A 135 -6.16 0.54 18.92
CA ALA A 135 -7.57 0.89 19.12
C ALA A 135 -8.48 -0.33 19.02
N ILE A 136 -8.34 -1.09 17.94
CA ILE A 136 -9.19 -2.27 17.74
C ILE A 136 -9.06 -3.26 18.90
N LYS A 137 -7.83 -3.53 19.31
CA LYS A 137 -7.50 -4.34 20.49
C LYS A 137 -8.33 -3.91 21.73
N TYR A 138 -8.33 -2.63 22.02
CA TYR A 138 -9.11 -2.10 23.11
C TYR A 138 -10.63 -2.30 22.93
N PHE A 139 -11.13 -2.02 21.71
CA PHE A 139 -12.55 -2.19 21.38
C PHE A 139 -12.97 -3.65 21.55
N VAL A 140 -12.12 -4.56 21.10
CA VAL A 140 -12.43 -5.99 21.11
C VAL A 140 -12.44 -6.49 22.56
N GLU A 141 -11.44 -6.07 23.33
CA GLU A 141 -11.31 -6.47 24.72
C GLU A 141 -12.43 -5.95 25.61
N ASN A 142 -12.98 -4.80 25.26
CA ASN A 142 -13.99 -4.14 26.09
C ASN A 142 -15.37 -4.06 25.47
N ASP A 143 -15.62 -4.88 24.44
CA ASP A 143 -16.89 -4.85 23.67
C ASP A 143 -17.39 -3.43 23.33
N ILE A 144 -16.49 -2.59 22.85
CA ILE A 144 -16.87 -1.25 22.41
C ILE A 144 -17.03 -1.30 20.88
N LYS A 145 -18.12 -0.71 20.40
CA LYS A 145 -18.35 -0.57 18.97
C LYS A 145 -17.66 0.70 18.49
N GLY A 146 -16.34 0.66 18.51
CA GLY A 146 -15.52 1.83 18.25
C GLY A 146 -15.36 2.13 16.77
N ASN A 147 -14.55 3.14 16.49
CA ASN A 147 -14.49 3.74 15.19
C ASN A 147 -13.03 4.07 14.90
N VAL A 148 -12.53 3.68 13.73
CA VAL A 148 -11.21 4.12 13.30
C VAL A 148 -11.31 4.92 12.01
N ILE A 149 -10.67 6.09 12.00
CA ILE A 149 -10.53 6.88 10.78
C ILE A 149 -9.04 7.02 10.43
N ASN A 150 -8.66 6.52 9.26
CA ASN A 150 -7.29 6.66 8.80
C ASN A 150 -7.23 7.76 7.76
N MET A 151 -6.32 8.70 7.96
CA MET A 151 -6.12 9.79 7.02
CA MET A 151 -6.15 9.79 7.03
C MET A 151 -5.28 9.36 5.85
N SER A 152 -5.94 9.22 4.70
CA SER A 152 -5.29 8.83 3.49
C SER A 152 -5.07 10.11 2.65
N SER A 153 -5.38 10.03 1.37
CA SER A 153 -5.09 11.09 0.40
C SER A 153 -5.72 10.68 -0.92
N VAL A 154 -5.97 11.66 -1.78
CA VAL A 154 -6.29 11.39 -3.18
C VAL A 154 -5.23 10.47 -3.80
N HIS A 155 -4.03 10.50 -3.23
CA HIS A 155 -2.92 9.66 -3.68
C HIS A 155 -2.97 8.17 -3.23
N GLU A 156 -4.07 7.74 -2.62
CA GLU A 156 -4.34 6.30 -2.61
C GLU A 156 -4.95 5.84 -3.94
N MET A 157 -5.31 6.81 -4.79
CA MET A 157 -5.89 6.53 -6.10
C MET A 157 -5.11 7.21 -7.21
N ILE A 158 -4.73 8.46 -6.98
CA ILE A 158 -3.96 9.23 -7.96
C ILE A 158 -2.47 8.92 -7.77
N PRO A 159 -1.82 8.35 -8.78
CA PRO A 159 -0.37 8.11 -8.67
C PRO A 159 0.40 9.45 -8.49
N TRP A 160 1.63 9.39 -8.01
CA TRP A 160 2.33 10.62 -7.63
C TRP A 160 3.83 10.55 -7.90
N PRO A 161 4.24 10.87 -9.14
CA PRO A 161 5.65 10.92 -9.50
C PRO A 161 6.43 11.80 -8.53
N LEU A 162 7.64 11.36 -8.17
CA LEU A 162 8.47 12.02 -7.15
C LEU A 162 8.08 11.68 -5.72
N PHE A 163 6.94 10.99 -5.55
CA PHE A 163 6.43 10.66 -4.22
C PHE A 163 5.96 9.20 -4.19
N VAL A 164 6.75 8.31 -4.77
CA VAL A 164 6.40 6.90 -4.85
C VAL A 164 6.22 6.28 -3.46
N HIS A 165 7.02 6.73 -2.50
CA HIS A 165 6.87 6.29 -1.11
C HIS A 165 5.53 6.74 -0.50
N TYR A 166 5.18 8.01 -0.72
CA TYR A 166 3.88 8.50 -0.26
C TYR A 166 2.73 7.75 -0.92
N ALA A 167 2.78 7.60 -2.25
CA ALA A 167 1.70 6.92 -2.96
C ALA A 167 1.53 5.48 -2.48
N ALA A 168 2.65 4.75 -2.40
CA ALA A 168 2.63 3.39 -1.85
C ALA A 168 2.02 3.33 -0.45
N SER A 169 2.42 4.28 0.40
CA SER A 169 1.97 4.26 1.78
C SER A 169 0.45 4.36 1.86
N LYS A 170 -0.14 5.22 1.02
CA LYS A 170 -1.61 5.39 1.02
C LYS A 170 -2.37 4.30 0.27
N GLY A 171 -1.80 3.81 -0.84
CA GLY A 171 -2.34 2.61 -1.49
C GLY A 171 -2.38 1.46 -0.49
N GLY A 172 -1.29 1.30 0.27
CA GLY A 172 -1.23 0.31 1.37
C GLY A 172 -2.28 0.57 2.43
N MET A 173 -2.42 1.83 2.79
CA MET A 173 -3.41 2.21 3.81
C MET A 173 -4.85 1.88 3.39
N LYS A 174 -5.13 1.97 2.09
CA LYS A 174 -6.46 1.66 1.59
C LYS A 174 -6.80 0.18 1.87
N LEU A 175 -5.92 -0.74 1.49
CA LEU A 175 -6.17 -2.19 1.68
C LEU A 175 -6.14 -2.57 3.17
N MET A 176 -5.37 -1.82 3.94
CA MET A 176 -5.28 -2.01 5.39
C MET A 176 -6.64 -1.74 6.02
N THR A 177 -7.15 -0.53 5.74
CA THR A 177 -8.47 -0.10 6.18
C THR A 177 -9.59 -1.04 5.71
N GLU A 178 -9.58 -1.39 4.44
CA GLU A 178 -10.60 -2.29 3.89
C GLU A 178 -10.57 -3.65 4.59
N THR A 179 -9.37 -4.20 4.79
CA THR A 179 -9.18 -5.46 5.53
C THR A 179 -9.67 -5.41 6.97
N LEU A 180 -9.29 -4.34 7.70
CA LEU A 180 -9.72 -4.25 9.09
C LEU A 180 -11.23 -4.05 9.19
N ALA A 181 -11.81 -3.30 8.26
CA ALA A 181 -13.25 -3.10 8.26
C ALA A 181 -13.96 -4.44 8.06
N LEU A 182 -13.48 -5.23 7.12
CA LEU A 182 -14.05 -6.57 6.87
C LEU A 182 -13.91 -7.46 8.11
N GLU A 183 -12.68 -7.52 8.62
CA GLU A 183 -12.34 -8.37 9.77
C GLU A 183 -13.15 -8.04 11.04
N TYR A 184 -13.38 -6.75 11.30
CA TYR A 184 -13.99 -6.33 12.57
C TYR A 184 -15.43 -5.86 12.46
N ALA A 185 -15.98 -5.84 11.24
CA ALA A 185 -17.37 -5.49 11.02
C ALA A 185 -18.32 -6.32 11.90
N PRO A 186 -18.04 -7.63 12.09
CA PRO A 186 -18.97 -8.43 12.96
C PRO A 186 -19.03 -7.92 14.41
N LYS A 187 -17.99 -7.21 14.84
CA LYS A 187 -17.97 -6.63 16.18
C LYS A 187 -18.49 -5.19 16.26
N GLY A 188 -19.09 -4.70 15.17
CA GLY A 188 -19.65 -3.34 15.15
C GLY A 188 -18.59 -2.23 15.12
N ILE A 189 -17.35 -2.61 14.90
CA ILE A 189 -16.21 -1.68 14.78
C ILE A 189 -16.08 -1.24 13.32
N ARG A 190 -16.18 0.06 13.07
CA ARG A 190 -16.10 0.55 11.70
C ARG A 190 -14.71 1.19 11.47
N VAL A 191 -14.21 1.04 10.25
CA VAL A 191 -12.86 1.51 9.89
C VAL A 191 -12.97 2.14 8.50
N ASN A 192 -12.59 3.41 8.37
CA ASN A 192 -12.76 4.15 7.12
C ASN A 192 -11.54 5.06 6.84
N ASN A 193 -11.34 5.39 5.56
CA ASN A 193 -10.35 6.40 5.15
C ASN A 193 -11.06 7.68 4.76
N ILE A 194 -10.39 8.79 5.03
CA ILE A 194 -10.75 10.05 4.40
C ILE A 194 -9.64 10.36 3.39
N GLY A 195 -10.02 10.82 2.20
CA GLY A 195 -9.04 11.15 1.14
C GLY A 195 -9.01 12.64 0.80
N PRO A 196 -8.25 13.42 1.58
CA PRO A 196 -8.20 14.87 1.28
C PRO A 196 -7.45 15.18 -0.02
N GLY A 197 -7.97 16.15 -0.77
CA GLY A 197 -7.23 16.69 -1.91
C GLY A 197 -6.21 17.73 -1.42
N ALA A 198 -6.05 18.80 -2.19
CA ALA A 198 -5.16 19.91 -1.80
C ALA A 198 -5.85 20.75 -0.73
N MET A 199 -5.21 20.85 0.43
CA MET A 199 -5.81 21.49 1.60
C MET A 199 -4.97 22.69 2.09
N ASN A 200 -5.65 23.70 2.63
CA ASN A 200 -4.99 24.94 3.07
C ASN A 200 -4.51 24.82 4.51
N THR A 201 -3.48 24.01 4.69
CA THR A 201 -2.91 23.72 6.00
C THR A 201 -1.64 24.52 6.17
N PRO A 202 -1.32 24.93 7.41
CA PRO A 202 -0.10 25.66 7.75
C PRO A 202 1.11 25.24 6.92
N ILE A 203 1.39 23.94 6.86
CA ILE A 203 2.48 23.37 6.04
C ILE A 203 2.45 23.84 4.58
N ASN A 204 1.25 23.99 4.01
CA ASN A 204 1.08 24.39 2.61
C ASN A 204 1.15 25.90 2.34
N ALA A 205 1.37 26.69 3.39
CA ALA A 205 1.42 28.15 3.29
C ALA A 205 2.53 28.65 2.36
N GLU A 206 3.66 27.94 2.34
CA GLU A 206 4.82 28.24 1.49
C GLU A 206 4.41 28.30 0.02
N LYS A 207 3.91 27.17 -0.49
CA LYS A 207 3.49 27.03 -1.87
C LYS A 207 2.31 27.96 -2.21
N PHE A 208 1.34 28.05 -1.30
CA PHE A 208 0.07 28.71 -1.61
C PHE A 208 0.09 30.23 -1.47
N ALA A 209 1.21 30.79 -1.00
CA ALA A 209 1.37 32.24 -0.95
C ALA A 209 1.70 32.76 -2.36
N ASP A 210 2.61 32.05 -3.03
CA ASP A 210 2.97 32.32 -4.41
C ASP A 210 1.78 32.19 -5.37
N PRO A 211 1.36 33.30 -6.02
CA PRO A 211 0.21 33.36 -6.94
C PRO A 211 0.22 32.31 -8.05
N VAL A 212 1.37 32.10 -8.69
CA VAL A 212 1.48 31.12 -9.78
C VAL A 212 1.36 29.67 -9.28
N GLN A 213 1.90 29.37 -8.09
CA GLN A 213 1.82 28.03 -7.54
C GLN A 213 0.41 27.76 -7.02
N ARG A 214 -0.21 28.78 -6.44
CA ARG A 214 -1.62 28.71 -6.01
C ARG A 214 -2.57 28.46 -7.19
N ALA A 215 -2.36 29.17 -8.29
CA ALA A 215 -3.17 28.99 -9.50
C ALA A 215 -2.97 27.59 -10.09
N ASP A 216 -1.72 27.13 -10.11
CA ASP A 216 -1.40 25.81 -10.64
C ASP A 216 -2.17 24.73 -9.87
N VAL A 217 -2.06 24.77 -8.54
CA VAL A 217 -2.78 23.85 -7.66
C VAL A 217 -4.30 23.96 -7.88
N GLU A 218 -4.83 25.20 -7.91
CA GLU A 218 -6.26 25.41 -8.14
C GLU A 218 -6.76 24.84 -9.48
N SER A 219 -5.88 24.85 -10.48
CA SER A 219 -6.17 24.28 -11.81
C SER A 219 -6.34 22.75 -11.77
N MET A 220 -5.81 22.11 -10.72
CA MET A 220 -5.98 20.65 -10.49
C MET A 220 -7.27 20.33 -9.74
N ILE A 221 -7.99 21.36 -9.33
CA ILE A 221 -9.18 21.20 -8.50
C ILE A 221 -10.42 21.64 -9.27
N PRO A 222 -11.28 20.66 -9.67
CA PRO A 222 -12.49 21.01 -10.43
C PRO A 222 -13.39 22.04 -9.75
N MET A 223 -13.57 21.96 -8.43
CA MET A 223 -14.35 23.00 -7.70
C MET A 223 -13.67 24.38 -7.63
N GLY A 224 -12.38 24.43 -7.95
CA GLY A 224 -11.67 25.70 -8.16
C GLY A 224 -11.12 26.40 -6.93
N TYR A 225 -11.20 25.75 -5.77
CA TYR A 225 -10.55 26.27 -4.57
C TYR A 225 -9.85 25.19 -3.75
N ILE A 226 -8.78 25.61 -3.09
CA ILE A 226 -8.07 24.78 -2.11
C ILE A 226 -8.95 24.56 -0.88
N GLY A 227 -9.06 23.31 -0.44
CA GLY A 227 -9.99 23.00 0.63
C GLY A 227 -9.59 23.62 1.95
N LYS A 228 -10.59 23.97 2.74
CA LYS A 228 -10.36 24.45 4.11
C LYS A 228 -10.31 23.23 5.02
N PRO A 229 -9.33 23.19 5.94
CA PRO A 229 -9.23 22.05 6.87
C PRO A 229 -10.55 21.68 7.56
N GLU A 230 -11.41 22.66 7.82
CA GLU A 230 -12.73 22.38 8.44
C GLU A 230 -13.65 21.51 7.58
N GLU A 231 -13.44 21.54 6.25
CA GLU A 231 -14.23 20.73 5.33
C GLU A 231 -13.85 19.25 5.44
N VAL A 232 -12.58 18.98 5.77
CA VAL A 232 -12.14 17.62 6.07
C VAL A 232 -12.62 17.19 7.45
N ALA A 233 -12.48 18.09 8.43
CA ALA A 233 -13.01 17.85 9.76
C ALA A 233 -14.52 17.52 9.78
N ALA A 234 -15.31 18.16 8.89
CA ALA A 234 -16.74 17.83 8.73
C ALA A 234 -16.96 16.37 8.31
N VAL A 235 -16.06 15.87 7.45
CA VAL A 235 -16.12 14.45 7.01
C VAL A 235 -15.78 13.51 8.17
N ALA A 236 -14.74 13.86 8.93
CA ALA A 236 -14.34 13.11 10.12
C ALA A 236 -15.45 12.99 11.14
N ALA A 237 -16.15 14.11 11.39
CA ALA A 237 -17.25 14.13 12.34
C ALA A 237 -18.40 13.23 11.89
N PHE A 238 -18.78 13.32 10.61
CA PHE A 238 -19.80 12.46 10.03
C PHE A 238 -19.41 10.99 10.21
N LEU A 239 -18.20 10.62 9.79
CA LEU A 239 -17.75 9.23 9.82
C LEU A 239 -17.65 8.64 11.21
N ALA A 240 -17.29 9.48 12.18
CA ALA A 240 -17.18 9.05 13.56
C ALA A 240 -18.54 8.86 14.22
N SER A 241 -19.55 9.59 13.73
CA SER A 241 -20.86 9.59 14.35
C SER A 241 -21.71 8.39 13.94
N SER A 242 -22.78 8.16 14.68
CA SER A 242 -23.71 7.08 14.37
C SER A 242 -24.54 7.40 13.12
N GLN A 243 -24.37 8.58 12.54
CA GLN A 243 -25.00 8.85 11.25
C GLN A 243 -24.41 7.95 10.17
N ALA A 244 -23.15 7.56 10.36
CA ALA A 244 -22.44 6.71 9.42
C ALA A 244 -22.46 5.26 9.91
N SER A 245 -23.51 4.90 10.63
CA SER A 245 -23.57 3.58 11.27
C SER A 245 -23.45 2.40 10.30
N TYR A 246 -23.88 2.57 9.05
CA TYR A 246 -23.82 1.46 8.05
C TYR A 246 -22.67 1.63 7.05
N VAL A 247 -21.77 2.57 7.37
CA VAL A 247 -20.65 2.94 6.49
C VAL A 247 -19.34 2.42 7.06
N THR A 248 -18.76 1.42 6.40
CA THR A 248 -17.46 0.90 6.81
C THR A 248 -16.65 0.43 5.62
N GLY A 249 -15.32 0.50 5.78
CA GLY A 249 -14.39 0.07 4.74
C GLY A 249 -14.35 0.97 3.52
N ILE A 250 -14.78 2.22 3.64
CA ILE A 250 -14.80 3.11 2.48
C ILE A 250 -13.68 4.14 2.52
N THR A 251 -13.35 4.70 1.36
CA THR A 251 -12.58 5.95 1.35
C THR A 251 -13.51 7.04 0.88
N LEU A 252 -13.64 8.09 1.69
CA LEU A 252 -14.49 9.19 1.35
C LEU A 252 -13.54 10.33 0.97
N PHE A 253 -13.48 10.60 -0.33
CA PHE A 253 -12.61 11.64 -0.87
C PHE A 253 -13.29 12.98 -0.63
N ALA A 254 -12.54 13.91 -0.04
CA ALA A 254 -12.95 15.29 0.09
C ALA A 254 -11.85 16.07 -0.64
N ASP A 255 -12.03 16.22 -1.95
CA ASP A 255 -10.97 16.68 -2.83
C ASP A 255 -11.44 17.68 -3.88
N GLY A 256 -12.67 18.18 -3.74
CA GLY A 256 -13.26 19.09 -4.74
C GLY A 256 -13.25 18.57 -6.18
N GLY A 257 -13.24 17.25 -6.33
CA GLY A 257 -13.31 16.62 -7.65
C GLY A 257 -11.97 16.15 -8.21
N MET A 258 -10.89 16.36 -7.47
CA MET A 258 -9.52 16.07 -7.96
C MET A 258 -9.31 14.63 -8.50
N THR A 259 -9.88 13.62 -7.83
CA THR A 259 -9.78 12.23 -8.32
C THR A 259 -10.55 12.00 -9.63
N LYS A 260 -11.35 12.98 -10.04
CA LYS A 260 -12.12 12.80 -11.29
C LYS A 260 -11.35 13.16 -12.58
N TYR A 261 -10.04 13.34 -12.46
CA TYR A 261 -9.11 13.61 -13.58
C TYR A 261 -9.21 15.07 -14.07
N PRO A 262 -8.47 15.99 -13.44
CA PRO A 262 -8.70 17.39 -13.80
C PRO A 262 -8.27 17.77 -15.22
N SER A 263 -7.37 17.00 -15.83
CA SER A 263 -6.95 17.27 -17.21
C SER A 263 -8.08 17.08 -18.23
N PHE A 264 -9.18 16.48 -17.79
CA PHE A 264 -10.32 16.21 -18.68
C PHE A 264 -11.49 17.19 -18.55
N GLN A 265 -11.33 18.21 -17.71
CA GLN A 265 -12.28 19.34 -17.71
C GLN A 265 -12.44 19.92 -19.12
N ALA A 266 -13.67 20.30 -19.48
CA ALA A 266 -13.93 20.93 -20.77
C ALA A 266 -13.32 22.33 -20.85
N ALA A 267 -13.01 22.77 -22.07
CA ALA A 267 -12.41 24.08 -22.33
C ALA A 267 -13.19 25.24 -21.70
N HIS B 8 7.62 -21.07 -30.57
CA HIS B 8 8.25 -19.78 -30.14
C HIS B 8 7.32 -18.58 -30.37
N MET B 9 6.60 -18.20 -29.32
CA MET B 9 5.55 -17.18 -29.36
C MET B 9 6.06 -15.74 -29.54
N TYR B 10 6.74 -15.20 -28.54
CA TYR B 10 7.18 -13.79 -28.58
C TYR B 10 8.63 -13.68 -29.02
N THR B 11 8.83 -13.67 -30.35
CA THR B 11 10.18 -13.70 -30.92
C THR B 11 11.04 -12.55 -30.43
N ASP B 12 10.41 -11.46 -30.02
CA ASP B 12 11.14 -10.29 -29.52
C ASP B 12 11.76 -10.50 -28.14
N LEU B 13 11.32 -11.55 -27.44
CA LEU B 13 11.88 -11.88 -26.14
C LEU B 13 13.24 -12.59 -26.20
N LYS B 14 13.52 -13.24 -27.33
CA LYS B 14 14.77 -13.98 -27.52
C LYS B 14 15.96 -13.11 -27.15
N ASP B 15 16.81 -13.63 -26.26
CA ASP B 15 18.03 -12.95 -25.79
C ASP B 15 17.82 -11.72 -24.92
N LYS B 16 16.59 -11.47 -24.48
CA LYS B 16 16.39 -10.40 -23.50
C LYS B 16 16.83 -10.90 -22.13
N VAL B 17 17.38 -10.00 -21.31
CA VAL B 17 17.76 -10.36 -19.94
C VAL B 17 16.59 -10.15 -18.95
N VAL B 18 16.13 -11.24 -18.35
CA VAL B 18 14.99 -11.23 -17.42
C VAL B 18 15.41 -11.67 -16.02
N VAL B 19 15.41 -10.74 -15.06
CA VAL B 19 15.67 -11.06 -13.63
C VAL B 19 14.37 -11.40 -12.88
N ILE B 20 14.38 -12.49 -12.11
CA ILE B 20 13.17 -12.93 -11.39
C ILE B 20 13.46 -13.27 -9.92
N THR B 21 13.09 -12.37 -9.01
CA THR B 21 13.20 -12.66 -7.58
C THR B 21 12.22 -13.76 -7.21
N GLY B 22 12.63 -14.63 -6.28
CA GLY B 22 11.87 -15.83 -5.91
C GLY B 22 11.59 -16.71 -7.12
N GLY B 23 12.59 -16.83 -7.99
CA GLY B 23 12.41 -17.54 -9.25
C GLY B 23 12.61 -19.04 -9.20
N SER B 24 12.96 -19.55 -8.03
CA SER B 24 13.26 -20.98 -7.83
C SER B 24 12.04 -21.87 -7.60
N THR B 25 10.93 -21.31 -7.13
CA THR B 25 9.72 -22.10 -6.82
C THR B 25 8.45 -21.42 -7.35
N GLY B 26 7.38 -22.19 -7.46
CA GLY B 26 6.05 -21.65 -7.70
C GLY B 26 5.93 -20.81 -8.96
N LEU B 27 5.38 -19.60 -8.80
CA LEU B 27 5.17 -18.68 -9.92
C LEU B 27 6.47 -18.17 -10.52
N GLY B 28 7.45 -17.90 -9.66
CA GLY B 28 8.75 -17.43 -10.11
C GLY B 28 9.41 -18.46 -11.01
N ARG B 29 9.32 -19.73 -10.61
CA ARG B 29 9.86 -20.83 -11.41
C ARG B 29 9.11 -20.96 -12.74
N ALA B 30 7.78 -20.96 -12.68
CA ALA B 30 6.97 -21.01 -13.90
C ALA B 30 7.32 -19.88 -14.87
N MET B 31 7.55 -18.68 -14.35
CA MET B 31 7.94 -17.58 -15.22
C MET B 31 9.37 -17.77 -15.76
N ALA B 32 10.26 -18.31 -14.92
CA ALA B 32 11.64 -18.59 -15.33
C ALA B 32 11.65 -19.53 -16.53
N VAL B 33 10.92 -20.64 -16.39
CA VAL B 33 10.74 -21.63 -17.45
C VAL B 33 10.16 -21.00 -18.74
N ARG B 34 9.05 -20.28 -18.60
CA ARG B 34 8.40 -19.65 -19.75
C ARG B 34 9.33 -18.72 -20.54
N PHE B 35 10.08 -17.88 -19.84
CA PHE B 35 11.01 -16.98 -20.52
C PHE B 35 12.18 -17.75 -21.15
N GLY B 36 12.44 -18.95 -20.63
CA GLY B 36 13.39 -19.89 -21.22
C GLY B 36 12.83 -20.43 -22.53
N GLN B 37 11.53 -20.75 -22.54
CA GLN B 37 10.84 -21.22 -23.75
C GLN B 37 10.85 -20.16 -24.84
N GLU B 38 10.97 -18.89 -24.44
CA GLU B 38 11.07 -17.76 -25.35
C GLU B 38 12.53 -17.47 -25.67
N GLU B 39 13.42 -18.33 -25.20
CA GLU B 39 14.86 -18.22 -25.44
C GLU B 39 15.46 -16.94 -24.88
N ALA B 40 14.97 -16.53 -23.70
CA ALA B 40 15.53 -15.38 -23.02
C ALA B 40 16.66 -15.79 -22.07
N LYS B 41 17.34 -14.80 -21.53
CA LYS B 41 18.40 -15.01 -20.56
C LYS B 41 17.87 -14.72 -19.15
N VAL B 42 17.54 -15.79 -18.42
CA VAL B 42 16.88 -15.72 -17.11
C VAL B 42 17.87 -15.69 -15.95
N VAL B 43 17.78 -14.65 -15.11
CA VAL B 43 18.54 -14.58 -13.86
C VAL B 43 17.60 -14.94 -12.71
N ILE B 44 17.83 -16.12 -12.11
CA ILE B 44 16.99 -16.65 -11.04
C ILE B 44 17.53 -16.25 -9.66
N ASN B 45 16.85 -15.33 -8.99
CA ASN B 45 17.19 -15.02 -7.60
C ASN B 45 16.51 -16.02 -6.66
N TYR B 46 17.20 -16.38 -5.58
CA TYR B 46 16.69 -17.25 -4.54
C TYR B 46 17.30 -16.81 -3.22
N TYR B 47 16.67 -17.17 -2.11
CA TYR B 47 17.11 -16.70 -0.80
C TYR B 47 17.78 -17.83 -0.02
N ASN B 48 17.20 -19.01 -0.13
CA ASN B 48 17.24 -20.00 0.92
C ASN B 48 17.72 -21.38 0.47
N ASN B 49 17.36 -21.77 -0.74
CA ASN B 49 17.50 -23.17 -1.10
C ASN B 49 18.10 -23.37 -2.48
N GLU B 50 19.43 -23.47 -2.51
CA GLU B 50 20.19 -23.57 -3.74
C GLU B 50 19.77 -24.79 -4.57
N GLU B 51 19.48 -25.92 -3.91
CA GLU B 51 19.13 -27.15 -4.62
C GLU B 51 17.88 -26.98 -5.49
N GLU B 52 16.91 -26.22 -4.97
N GLU B 52 16.89 -26.24 -4.98
CA GLU B 52 15.70 -25.87 -5.69
CA GLU B 52 15.70 -25.91 -5.76
C GLU B 52 16.03 -24.97 -6.88
C GLU B 52 16.03 -24.96 -6.91
N ALA B 53 16.81 -23.92 -6.62
CA ALA B 53 17.27 -22.98 -7.65
C ALA B 53 18.07 -23.65 -8.77
N LEU B 54 18.89 -24.62 -8.40
CA LEU B 54 19.65 -25.40 -9.38
C LEU B 54 18.73 -26.25 -10.26
N ASP B 55 17.74 -26.89 -9.64
CA ASP B 55 16.72 -27.66 -10.36
C ASP B 55 15.94 -26.81 -11.36
N ALA B 56 15.67 -25.55 -10.98
CA ALA B 56 14.99 -24.58 -11.83
C ALA B 56 15.91 -24.08 -12.95
N LYS B 57 17.15 -23.73 -12.61
CA LYS B 57 18.15 -23.33 -13.62
C LYS B 57 18.20 -24.34 -14.76
N LYS B 58 18.08 -25.63 -14.41
CA LYS B 58 18.11 -26.71 -15.39
C LYS B 58 16.92 -26.69 -16.33
N GLU B 59 15.71 -26.56 -15.75
CA GLU B 59 14.48 -26.45 -16.54
C GLU B 59 14.53 -25.30 -17.53
N VAL B 60 15.08 -24.17 -17.11
CA VAL B 60 15.22 -23.00 -17.98
C VAL B 60 16.11 -23.32 -19.17
N GLU B 61 17.27 -23.92 -18.89
CA GLU B 61 18.23 -24.34 -19.92
C GLU B 61 17.63 -25.36 -20.88
N GLU B 62 16.96 -26.36 -20.33
CA GLU B 62 16.27 -27.37 -21.14
C GLU B 62 15.17 -26.78 -22.03
N ALA B 63 14.49 -25.74 -21.54
CA ALA B 63 13.40 -25.10 -22.26
C ALA B 63 13.88 -24.24 -23.44
N GLY B 64 15.19 -24.04 -23.54
CA GLY B 64 15.77 -23.31 -24.66
C GLY B 64 16.40 -21.99 -24.29
N GLY B 65 16.49 -21.72 -22.99
CA GLY B 65 17.06 -20.46 -22.50
C GLY B 65 18.41 -20.60 -21.83
N GLN B 66 18.95 -19.46 -21.42
CA GLN B 66 20.18 -19.41 -20.63
C GLN B 66 19.84 -18.92 -19.23
N ALA B 67 20.57 -19.41 -18.23
CA ALA B 67 20.21 -19.14 -16.85
C ALA B 67 21.39 -19.15 -15.89
N ILE B 68 21.35 -18.24 -14.93
CA ILE B 68 22.20 -18.29 -13.75
C ILE B 68 21.29 -18.28 -12.52
N ILE B 69 21.89 -18.59 -11.37
CA ILE B 69 21.21 -18.43 -10.07
C ILE B 69 22.04 -17.47 -9.21
N VAL B 70 21.36 -16.63 -8.44
CA VAL B 70 22.02 -15.63 -7.61
C VAL B 70 21.32 -15.60 -6.25
N GLN B 71 22.07 -15.89 -5.18
CA GLN B 71 21.49 -15.82 -3.83
C GLN B 71 21.30 -14.35 -3.45
N GLY B 72 20.19 -14.06 -2.78
CA GLY B 72 19.89 -12.71 -2.30
C GLY B 72 18.64 -12.66 -1.43
N ASP B 73 18.69 -11.82 -0.40
CA ASP B 73 17.55 -11.49 0.44
C ASP B 73 17.03 -10.17 -0.10
N VAL B 74 15.75 -10.15 -0.53
CA VAL B 74 15.17 -8.94 -1.12
C VAL B 74 14.90 -7.81 -0.13
N THR B 75 15.03 -8.11 1.16
CA THR B 75 14.90 -7.12 2.21
C THR B 75 16.24 -6.39 2.49
N LYS B 76 17.31 -6.82 1.81
CA LYS B 76 18.63 -6.20 1.97
C LYS B 76 18.99 -5.46 0.70
N GLU B 77 19.19 -4.15 0.82
CA GLU B 77 19.49 -3.31 -0.33
C GLU B 77 20.69 -3.79 -1.14
N GLU B 78 21.75 -4.16 -0.43
CA GLU B 78 22.98 -4.62 -1.10
C GLU B 78 22.73 -5.84 -1.98
N ASP B 79 21.83 -6.73 -1.53
CA ASP B 79 21.49 -7.94 -2.26
C ASP B 79 20.75 -7.68 -3.57
N VAL B 80 19.83 -6.72 -3.56
CA VAL B 80 19.10 -6.33 -4.75
C VAL B 80 20.02 -5.60 -5.73
N VAL B 81 20.79 -4.64 -5.23
CA VAL B 81 21.81 -3.96 -6.03
C VAL B 81 22.77 -4.98 -6.64
N ASN B 82 23.26 -5.90 -5.82
CA ASN B 82 24.11 -7.00 -6.28
C ASN B 82 23.46 -7.80 -7.41
N LEU B 83 22.18 -8.16 -7.22
CA LEU B 83 21.46 -9.00 -8.17
C LEU B 83 21.41 -8.36 -9.55
N VAL B 84 21.05 -7.09 -9.60
CA VAL B 84 20.96 -6.36 -10.86
C VAL B 84 22.36 -6.24 -11.50
N GLN B 85 23.33 -5.82 -10.69
CA GLN B 85 24.75 -5.77 -11.11
C GLN B 85 25.28 -7.12 -11.64
N THR B 86 24.93 -8.22 -10.98
CA THR B 86 25.30 -9.58 -11.43
C THR B 86 24.68 -9.89 -12.79
N ALA B 87 23.41 -9.52 -12.98
CA ALA B 87 22.74 -9.70 -14.26
C ALA B 87 23.46 -8.96 -15.38
N ILE B 88 23.88 -7.73 -15.10
CA ILE B 88 24.62 -6.91 -16.07
C ILE B 88 26.02 -7.50 -16.34
N LYS B 89 26.68 -8.02 -15.31
CA LYS B 89 27.97 -8.70 -15.46
C LYS B 89 27.84 -9.95 -16.35
N GLU B 90 26.93 -10.84 -15.98
CA GLU B 90 26.81 -12.14 -16.61
C GLU B 90 26.26 -12.12 -18.02
N PHE B 91 25.29 -11.23 -18.28
CA PHE B 91 24.55 -11.25 -19.55
C PHE B 91 24.67 -9.99 -20.42
N GLY B 92 25.30 -8.95 -19.89
CA GLY B 92 25.59 -7.75 -20.69
C GLY B 92 24.69 -6.55 -20.45
N THR B 93 23.47 -6.82 -19.98
CA THR B 93 22.45 -5.78 -19.76
C THR B 93 21.28 -6.29 -18.92
N LEU B 94 20.20 -5.50 -18.89
CA LEU B 94 18.95 -5.90 -18.25
C LEU B 94 17.77 -5.41 -19.11
N ASP B 95 16.76 -6.25 -19.29
CA ASP B 95 15.59 -5.87 -20.08
C ASP B 95 14.25 -5.96 -19.34
N VAL B 96 14.11 -6.99 -18.51
CA VAL B 96 12.86 -7.25 -17.80
C VAL B 96 13.17 -7.57 -16.33
N MET B 97 12.62 -6.76 -15.43
CA MET B 97 12.79 -6.96 -13.99
C MET B 97 11.46 -7.43 -13.39
N ILE B 98 11.46 -8.64 -12.84
CA ILE B 98 10.29 -9.24 -12.24
C ILE B 98 10.44 -9.42 -10.73
N ASN B 99 9.75 -8.58 -9.97
CA ASN B 99 9.77 -8.67 -8.50
C ASN B 99 8.68 -9.61 -7.98
N ASN B 100 9.06 -10.85 -7.71
CA ASN B 100 8.09 -11.91 -7.44
C ASN B 100 8.09 -12.45 -6.01
N ALA B 101 9.19 -12.25 -5.29
CA ALA B 101 9.33 -12.71 -3.90
C ALA B 101 8.20 -12.22 -3.01
N GLY B 102 7.71 -13.10 -2.13
CA GLY B 102 6.59 -12.78 -1.25
C GLY B 102 6.42 -13.78 -0.14
N VAL B 103 5.98 -13.29 1.03
CA VAL B 103 5.67 -14.14 2.19
C VAL B 103 4.34 -13.69 2.81
N GLU B 104 3.75 -14.57 3.63
CA GLU B 104 2.46 -14.31 4.24
C GLU B 104 2.25 -15.28 5.39
N ASN B 105 1.43 -14.87 6.36
CA ASN B 105 1.01 -15.75 7.44
C ASN B 105 -0.22 -15.19 8.11
N PRO B 106 -1.17 -16.06 8.45
CA PRO B 106 -2.42 -15.62 9.12
C PRO B 106 -2.23 -15.23 10.58
N VAL B 107 -2.73 -14.05 10.94
CA VAL B 107 -2.76 -13.57 12.33
C VAL B 107 -3.94 -12.64 12.46
N PRO B 108 -4.78 -12.82 13.50
CA PRO B 108 -5.82 -11.81 13.69
C PRO B 108 -5.14 -10.46 13.76
N SER B 109 -5.71 -9.47 13.09
CA SER B 109 -5.01 -8.20 12.91
C SER B 109 -4.70 -7.52 14.23
N HIS B 110 -5.62 -7.60 15.20
CA HIS B 110 -5.41 -6.95 16.49
C HIS B 110 -4.33 -7.64 17.33
N GLU B 111 -3.86 -8.78 16.85
CA GLU B 111 -2.81 -9.55 17.50
C GLU B 111 -1.52 -9.58 16.67
N LEU B 112 -1.50 -8.88 15.54
CA LEU B 112 -0.33 -8.93 14.66
C LEU B 112 0.79 -8.07 15.21
N SER B 113 1.97 -8.67 15.37
CA SER B 113 3.12 -7.98 15.90
C SER B 113 3.70 -7.05 14.86
N LEU B 114 4.36 -6.00 15.34
CA LEU B 114 5.08 -5.07 14.47
C LEU B 114 6.16 -5.75 13.65
N ASP B 115 6.97 -6.62 14.26
CA ASP B 115 8.01 -7.35 13.52
C ASP B 115 7.42 -8.22 12.41
N ASN B 116 6.27 -8.81 12.65
CA ASN B 116 5.65 -9.69 11.67
C ASN B 116 5.07 -8.83 10.53
N TRP B 117 4.43 -7.71 10.90
CA TRP B 117 3.94 -6.73 9.92
C TRP B 117 5.11 -6.27 9.05
N ASN B 118 6.21 -5.87 9.69
CA ASN B 118 7.41 -5.39 8.97
C ASN B 118 8.05 -6.40 8.03
N LYS B 119 8.11 -7.67 8.44
CA LYS B 119 8.69 -8.71 7.61
C LYS B 119 7.97 -8.80 6.27
N VAL B 120 6.64 -8.79 6.34
CA VAL B 120 5.80 -8.91 5.16
C VAL B 120 5.86 -7.65 4.28
N ILE B 121 5.82 -6.48 4.91
CA ILE B 121 5.91 -5.21 4.18
C ILE B 121 7.29 -5.10 3.53
N ASP B 122 8.34 -5.34 4.32
CA ASP B 122 9.72 -5.32 3.84
C ASP B 122 9.92 -6.23 2.63
N THR B 123 9.41 -7.46 2.73
CA THR B 123 9.54 -8.47 1.68
C THR B 123 8.70 -8.14 0.46
N ASN B 124 7.39 -7.99 0.68
CA ASN B 124 6.42 -7.95 -0.41
C ASN B 124 6.36 -6.63 -1.14
N LEU B 125 6.64 -5.53 -0.43
CA LEU B 125 6.51 -4.19 -1.02
C LEU B 125 7.86 -3.50 -1.23
N THR B 126 8.58 -3.34 -0.14
CA THR B 126 9.88 -2.68 -0.18
C THR B 126 10.89 -3.41 -1.07
N GLY B 127 10.88 -4.75 -1.02
CA GLY B 127 11.73 -5.53 -1.93
C GLY B 127 11.43 -5.21 -3.39
N ALA B 128 10.14 -5.08 -3.71
CA ALA B 128 9.71 -4.75 -5.07
C ALA B 128 10.10 -3.33 -5.43
N PHE B 129 10.02 -2.42 -4.46
CA PHE B 129 10.49 -1.06 -4.67
C PHE B 129 11.98 -1.06 -5.01
N LEU B 130 12.77 -1.75 -4.19
CA LEU B 130 14.22 -1.81 -4.43
C LEU B 130 14.52 -2.41 -5.79
N GLY B 131 13.88 -3.53 -6.11
CA GLY B 131 13.98 -4.14 -7.43
C GLY B 131 13.67 -3.16 -8.54
N SER B 132 12.48 -2.57 -8.47
CA SER B 132 12.03 -1.57 -9.43
C SER B 132 12.99 -0.40 -9.58
N ARG B 133 13.47 0.12 -8.44
CA ARG B 133 14.37 1.27 -8.42
C ARG B 133 15.66 0.95 -9.19
N GLU B 134 16.29 -0.16 -8.82
CA GLU B 134 17.57 -0.53 -9.39
C GLU B 134 17.49 -0.79 -10.88
N ALA B 135 16.41 -1.45 -11.32
CA ALA B 135 16.19 -1.67 -12.75
C ALA B 135 15.98 -0.36 -13.52
N ILE B 136 15.09 0.49 -13.02
CA ILE B 136 14.77 1.77 -13.69
C ILE B 136 15.98 2.70 -13.76
N LYS B 137 16.72 2.77 -12.66
CA LYS B 137 18.00 3.49 -12.58
C LYS B 137 18.93 3.05 -13.70
N TYR B 138 19.03 1.74 -13.92
CA TYR B 138 19.82 1.19 -15.02
C TYR B 138 19.23 1.55 -16.39
N PHE B 139 17.90 1.45 -16.50
CA PHE B 139 17.19 1.81 -17.74
C PHE B 139 17.38 3.25 -18.14
N VAL B 140 17.25 4.16 -17.16
CA VAL B 140 17.35 5.60 -17.40
C VAL B 140 18.78 5.99 -17.79
N GLU B 141 19.76 5.48 -17.05
CA GLU B 141 21.17 5.82 -17.29
C GLU B 141 21.69 5.30 -18.64
N ASN B 142 21.12 4.20 -19.11
CA ASN B 142 21.58 3.57 -20.35
C ASN B 142 20.59 3.63 -21.50
N ASP B 143 19.58 4.52 -21.38
CA ASP B 143 18.60 4.77 -22.45
C ASP B 143 17.91 3.51 -22.99
N ILE B 144 17.58 2.59 -22.07
CA ILE B 144 16.96 1.33 -22.43
C ILE B 144 15.45 1.40 -22.15
N LYS B 145 14.65 0.97 -23.12
CA LYS B 145 13.20 0.98 -22.94
C LYS B 145 12.79 -0.31 -22.24
N GLY B 146 13.21 -0.39 -20.98
CA GLY B 146 13.06 -1.58 -20.16
C GLY B 146 11.65 -1.81 -19.64
N ASN B 147 11.51 -2.87 -18.85
CA ASN B 147 10.20 -3.35 -18.46
C ASN B 147 10.25 -3.88 -17.04
N VAL B 148 9.27 -3.50 -16.21
CA VAL B 148 9.14 -4.03 -14.87
C VAL B 148 7.78 -4.70 -14.66
N ILE B 149 7.82 -5.91 -14.12
CA ILE B 149 6.61 -6.64 -13.74
C ILE B 149 6.64 -6.88 -12.24
N ASN B 150 5.66 -6.33 -11.54
CA ASN B 150 5.56 -6.54 -10.10
C ASN B 150 4.48 -7.56 -9.81
N MET B 151 4.83 -8.58 -9.03
CA MET B 151 3.90 -9.64 -8.72
C MET B 151 3.06 -9.24 -7.51
N SER B 152 1.81 -8.91 -7.81
CA SER B 152 0.83 -8.53 -6.83
C SER B 152 -0.08 -9.71 -6.50
N SER B 153 -1.38 -9.47 -6.45
CA SER B 153 -2.33 -10.46 -5.94
C SER B 153 -3.73 -9.89 -6.14
N VAL B 154 -4.72 -10.79 -6.22
CA VAL B 154 -6.10 -10.38 -6.12
C VAL B 154 -6.25 -9.49 -4.87
N HIS B 155 -5.40 -9.73 -3.88
CA HIS B 155 -5.47 -8.97 -2.62
C HIS B 155 -4.86 -7.55 -2.65
N GLU B 156 -4.53 -7.05 -3.84
CA GLU B 156 -4.41 -5.57 -3.99
C GLU B 156 -5.80 -4.96 -4.13
N MET B 157 -6.83 -5.83 -4.24
CA MET B 157 -8.18 -5.34 -4.43
C MET B 157 -9.14 -6.03 -3.44
N ILE B 158 -8.98 -7.34 -3.27
CA ILE B 158 -9.77 -8.08 -2.28
C ILE B 158 -9.14 -7.92 -0.90
N PRO B 159 -9.88 -7.37 0.08
CA PRO B 159 -9.33 -7.30 1.43
C PRO B 159 -9.11 -8.73 2.00
N TRP B 160 -8.23 -8.88 2.98
CA TRP B 160 -7.87 -10.23 3.40
C TRP B 160 -7.69 -10.31 4.90
N PRO B 161 -8.80 -10.53 5.64
CA PRO B 161 -8.67 -10.63 7.10
C PRO B 161 -7.69 -11.74 7.50
N LEU B 162 -6.98 -11.52 8.59
CA LEU B 162 -5.86 -12.37 9.06
C LEU B 162 -4.58 -12.13 8.27
N PHE B 163 -4.68 -11.32 7.22
CA PHE B 163 -3.52 -11.07 6.36
C PHE B 163 -3.44 -9.57 6.03
N VAL B 164 -3.60 -8.73 7.04
CA VAL B 164 -3.68 -7.28 6.78
C VAL B 164 -2.33 -6.77 6.27
N HIS B 165 -1.25 -7.38 6.75
CA HIS B 165 0.09 -7.05 6.26
C HIS B 165 0.25 -7.36 4.77
N TYR B 166 -0.21 -8.53 4.35
CA TYR B 166 -0.14 -8.90 2.97
C TYR B 166 -0.99 -7.97 2.09
N ALA B 167 -2.23 -7.72 2.50
CA ALA B 167 -3.14 -6.85 1.74
C ALA B 167 -2.55 -5.46 1.56
N ALA B 168 -2.08 -4.89 2.67
CA ALA B 168 -1.46 -3.57 2.65
C ALA B 168 -0.24 -3.56 1.73
N SER B 169 0.57 -4.63 1.77
CA SER B 169 1.75 -4.69 0.91
C SER B 169 1.41 -4.62 -0.60
N LYS B 170 0.35 -5.32 -1.01
CA LYS B 170 -0.11 -5.33 -2.41
C LYS B 170 -0.90 -4.08 -2.81
N GLY B 171 -1.70 -3.53 -1.89
CA GLY B 171 -2.33 -2.22 -2.13
C GLY B 171 -1.26 -1.16 -2.37
N GLY B 172 -0.19 -1.24 -1.59
CA GLY B 172 0.97 -0.37 -1.76
C GLY B 172 1.69 -0.63 -3.08
N MET B 173 1.90 -1.90 -3.39
CA MET B 173 2.53 -2.28 -4.66
C MET B 173 1.75 -1.68 -5.83
N LYS B 174 0.42 -1.66 -5.72
CA LYS B 174 -0.39 -1.11 -6.80
C LYS B 174 -0.07 0.37 -7.06
N LEU B 175 -0.05 1.18 -6.01
CA LEU B 175 0.21 2.61 -6.19
C LEU B 175 1.69 2.89 -6.54
N MET B 176 2.58 2.02 -6.08
CA MET B 176 4.00 2.11 -6.43
C MET B 176 4.14 1.89 -7.94
N THR B 177 3.58 0.78 -8.42
CA THR B 177 3.60 0.47 -9.86
C THR B 177 2.98 1.58 -10.71
N GLU B 178 1.83 2.07 -10.28
CA GLU B 178 1.13 3.11 -11.04
C GLU B 178 1.95 4.42 -11.10
N THR B 179 2.61 4.75 -9.99
CA THR B 179 3.44 5.96 -9.90
C THR B 179 4.67 5.87 -10.80
N LEU B 180 5.39 4.74 -10.69
CA LEU B 180 6.57 4.49 -11.52
C LEU B 180 6.20 4.45 -13.01
N ALA B 181 5.07 3.82 -13.33
CA ALA B 181 4.59 3.78 -14.72
C ALA B 181 4.36 5.18 -15.28
N LEU B 182 3.69 6.03 -14.50
CA LEU B 182 3.46 7.44 -14.87
C LEU B 182 4.76 8.23 -14.98
N GLU B 183 5.62 8.06 -13.98
CA GLU B 183 6.85 8.81 -13.87
C GLU B 183 7.84 8.49 -14.99
N TYR B 184 7.89 7.21 -15.41
CA TYR B 184 8.88 6.77 -16.43
C TYR B 184 8.29 6.43 -17.80
N ALA B 185 6.98 6.57 -17.94
CA ALA B 185 6.31 6.49 -19.25
C ALA B 185 7.01 7.33 -20.36
N PRO B 186 7.37 8.61 -20.08
CA PRO B 186 7.97 9.41 -21.17
C PRO B 186 9.29 8.83 -21.69
N LYS B 187 9.87 7.90 -20.94
CA LYS B 187 11.12 7.27 -21.35
C LYS B 187 10.92 5.89 -21.96
N GLY B 188 9.66 5.51 -22.17
CA GLY B 188 9.35 4.22 -22.78
C GLY B 188 9.48 3.02 -21.84
N ILE B 189 9.74 3.29 -20.57
CA ILE B 189 9.83 2.23 -19.56
C ILE B 189 8.43 1.93 -19.03
N ARG B 190 8.01 0.67 -19.14
CA ARG B 190 6.69 0.25 -18.72
C ARG B 190 6.77 -0.54 -17.42
N VAL B 191 5.75 -0.37 -16.58
CA VAL B 191 5.73 -0.98 -15.24
C VAL B 191 4.30 -1.47 -15.04
N ASN B 192 4.14 -2.76 -14.80
CA ASN B 192 2.81 -3.36 -14.63
C ASN B 192 2.79 -4.33 -13.46
N ASN B 193 1.58 -4.62 -12.95
CA ASN B 193 1.40 -5.65 -11.94
C ASN B 193 0.68 -6.83 -12.57
N ILE B 194 0.96 -8.02 -12.07
CA ILE B 194 0.09 -9.17 -12.30
C ILE B 194 -0.60 -9.49 -10.99
N GLY B 195 -1.88 -9.80 -11.06
CA GLY B 195 -2.63 -10.16 -9.86
C GLY B 195 -3.17 -11.59 -9.90
N PRO B 196 -2.37 -12.57 -9.43
CA PRO B 196 -2.86 -13.98 -9.38
C PRO B 196 -3.93 -14.20 -8.32
N GLY B 197 -4.86 -15.11 -8.60
CA GLY B 197 -5.78 -15.59 -7.56
C GLY B 197 -5.17 -16.80 -6.87
N ALA B 198 -5.99 -17.80 -6.54
CA ALA B 198 -5.50 -19.04 -5.95
C ALA B 198 -4.80 -19.90 -7.01
N MET B 199 -3.49 -20.10 -6.81
CA MET B 199 -2.61 -20.79 -7.75
C MET B 199 -2.01 -22.05 -7.11
N ASN B 200 -1.82 -23.09 -7.92
CA ASN B 200 -1.30 -24.36 -7.43
C ASN B 200 0.23 -24.28 -7.25
N THR B 201 0.66 -23.74 -6.12
CA THR B 201 2.07 -23.52 -5.81
C THR B 201 2.40 -24.09 -4.42
N PRO B 202 3.71 -24.13 -4.05
CA PRO B 202 4.16 -24.68 -2.77
C PRO B 202 3.47 -24.08 -1.55
N ILE B 203 3.44 -22.74 -1.45
CA ILE B 203 2.76 -22.02 -0.36
C ILE B 203 1.37 -22.60 -0.01
N ASN B 204 0.61 -22.99 -1.04
CA ASN B 204 -0.75 -23.48 -0.86
C ASN B 204 -0.89 -25.01 -0.79
N ALA B 205 0.20 -25.71 -1.11
CA ALA B 205 0.20 -27.19 -1.18
C ALA B 205 -0.41 -27.89 0.06
N GLU B 206 -0.21 -27.29 1.22
CA GLU B 206 -0.85 -27.74 2.47
C GLU B 206 -2.37 -27.73 2.30
N LYS B 207 -2.94 -26.53 2.24
CA LYS B 207 -4.39 -26.34 2.08
C LYS B 207 -5.02 -27.25 1.02
N PHE B 208 -4.36 -27.39 -0.13
CA PHE B 208 -4.96 -28.06 -1.27
C PHE B 208 -4.97 -29.58 -1.16
N ALA B 209 -4.23 -30.13 -0.20
CA ALA B 209 -4.24 -31.57 0.06
C ALA B 209 -5.52 -31.97 0.80
N ASP B 210 -5.97 -31.09 1.69
CA ASP B 210 -7.22 -31.29 2.43
C ASP B 210 -8.41 -31.07 1.48
N PRO B 211 -9.07 -32.18 1.08
CA PRO B 211 -10.10 -32.14 0.02
C PRO B 211 -11.25 -31.20 0.36
N VAL B 212 -11.52 -31.01 1.65
CA VAL B 212 -12.55 -30.09 2.12
C VAL B 212 -12.12 -28.64 1.91
N GLN B 213 -10.84 -28.36 2.16
CA GLN B 213 -10.27 -27.03 1.95
C GLN B 213 -10.08 -26.72 0.46
N ARG B 214 -9.62 -27.71 -0.31
CA ARG B 214 -9.47 -27.56 -1.76
C ARG B 214 -10.81 -27.21 -2.45
N ALA B 215 -11.88 -27.90 -2.06
CA ALA B 215 -13.23 -27.60 -2.58
C ALA B 215 -13.73 -26.21 -2.14
N ASP B 216 -13.41 -25.82 -0.91
CA ASP B 216 -13.77 -24.51 -0.38
C ASP B 216 -13.09 -23.39 -1.19
N VAL B 217 -11.80 -23.58 -1.47
CA VAL B 217 -11.03 -22.62 -2.29
C VAL B 217 -11.61 -22.59 -3.70
N GLU B 218 -11.91 -23.78 -4.25
CA GLU B 218 -12.50 -23.92 -5.58
C GLU B 218 -13.87 -23.25 -5.70
N SER B 219 -14.65 -23.30 -4.62
CA SER B 219 -15.96 -22.63 -4.57
C SER B 219 -15.85 -21.09 -4.58
N MET B 220 -14.66 -20.56 -4.35
CA MET B 220 -14.40 -19.12 -4.44
C MET B 220 -13.82 -18.69 -5.79
N ILE B 221 -13.58 -19.65 -6.67
CA ILE B 221 -13.11 -19.38 -8.02
C ILE B 221 -14.27 -19.60 -9.00
N PRO B 222 -14.73 -18.52 -9.66
CA PRO B 222 -15.84 -18.69 -10.60
C PRO B 222 -15.55 -19.68 -11.75
N MET B 223 -14.34 -19.65 -12.30
CA MET B 223 -13.97 -20.60 -13.37
C MET B 223 -13.90 -22.04 -12.85
N GLY B 224 -13.86 -22.19 -11.53
CA GLY B 224 -14.02 -23.50 -10.90
C GLY B 224 -12.77 -24.34 -10.72
N TYR B 225 -11.61 -23.81 -11.10
CA TYR B 225 -10.36 -24.50 -10.81
C TYR B 225 -9.27 -23.58 -10.27
N ILE B 226 -8.43 -24.15 -9.41
CA ILE B 226 -7.21 -23.53 -8.93
C ILE B 226 -6.24 -23.33 -10.09
N GLY B 227 -5.71 -22.11 -10.20
CA GLY B 227 -4.86 -21.74 -11.32
C GLY B 227 -3.57 -22.52 -11.43
N LYS B 228 -3.18 -22.80 -12.67
CA LYS B 228 -1.91 -23.43 -12.96
C LYS B 228 -0.89 -22.33 -13.08
N PRO B 229 0.33 -22.52 -12.55
CA PRO B 229 1.34 -21.47 -12.56
C PRO B 229 1.75 -21.00 -13.96
N GLU B 230 1.69 -21.89 -14.96
CA GLU B 230 1.95 -21.47 -16.35
C GLU B 230 0.92 -20.47 -16.89
N GLU B 231 -0.28 -20.45 -16.32
CA GLU B 231 -1.30 -19.48 -16.74
C GLU B 231 -0.89 -18.05 -16.36
N VAL B 232 -0.18 -17.91 -15.24
CA VAL B 232 0.39 -16.63 -14.82
C VAL B 232 1.64 -16.26 -15.63
N ALA B 233 2.52 -17.24 -15.85
CA ALA B 233 3.70 -17.02 -16.69
C ALA B 233 3.36 -16.54 -18.12
N ALA B 234 2.23 -16.99 -18.65
CA ALA B 234 1.72 -16.53 -19.96
C ALA B 234 1.40 -15.02 -19.93
N VAL B 235 0.86 -14.55 -18.80
CA VAL B 235 0.57 -13.13 -18.64
C VAL B 235 1.87 -12.34 -18.57
N ALA B 236 2.85 -12.85 -17.82
CA ALA B 236 4.17 -12.19 -17.72
C ALA B 236 4.86 -12.08 -19.08
N ALA B 237 4.87 -13.18 -19.82
CA ALA B 237 5.40 -13.21 -21.20
C ALA B 237 4.78 -12.12 -22.06
N PHE B 238 3.44 -12.04 -22.06
CA PHE B 238 2.72 -11.02 -22.80
C PHE B 238 3.18 -9.60 -22.41
N LEU B 239 3.19 -9.33 -21.10
CA LEU B 239 3.46 -7.97 -20.61
C LEU B 239 4.89 -7.53 -20.86
N ALA B 240 5.82 -8.48 -20.78
CA ALA B 240 7.22 -8.18 -21.06
C ALA B 240 7.45 -7.94 -22.55
N SER B 241 6.63 -8.58 -23.39
CA SER B 241 6.75 -8.49 -24.84
C SER B 241 6.30 -7.16 -25.47
N SER B 242 6.70 -6.97 -26.72
CA SER B 242 6.36 -5.78 -27.47
C SER B 242 4.89 -5.79 -27.90
N GLN B 243 4.19 -6.91 -27.66
CA GLN B 243 2.76 -6.97 -27.91
C GLN B 243 2.03 -6.01 -26.96
N ALA B 244 2.59 -5.86 -25.76
CA ALA B 244 2.03 -5.00 -24.73
C ALA B 244 2.64 -3.60 -24.76
N SER B 245 3.08 -3.16 -25.95
CA SER B 245 3.78 -1.88 -26.09
C SER B 245 3.06 -0.62 -25.56
N TYR B 246 1.73 -0.60 -25.63
CA TYR B 246 0.96 0.56 -25.17
C TYR B 246 0.33 0.29 -23.80
N VAL B 247 0.82 -0.75 -23.12
CA VAL B 247 0.24 -1.17 -21.84
C VAL B 247 1.21 -0.86 -20.71
N THR B 248 0.85 0.13 -19.90
CA THR B 248 1.64 0.47 -18.73
C THR B 248 0.74 0.95 -17.59
N GLY B 249 1.18 0.68 -16.36
CA GLY B 249 0.49 1.09 -15.15
C GLY B 249 -0.75 0.29 -14.82
N ILE B 250 -0.89 -0.89 -15.41
CA ILE B 250 -2.09 -1.70 -15.13
C ILE B 250 -1.85 -2.79 -14.12
N THR B 251 -2.94 -3.29 -13.53
CA THR B 251 -2.91 -4.60 -12.90
C THR B 251 -3.73 -5.55 -13.76
N LEU B 252 -3.07 -6.61 -14.23
CA LEU B 252 -3.72 -7.65 -15.01
C LEU B 252 -3.99 -8.84 -14.08
N PHE B 253 -5.27 -9.04 -13.75
CA PHE B 253 -5.66 -10.10 -12.83
C PHE B 253 -5.81 -11.42 -13.60
N ALA B 254 -5.21 -12.46 -13.06
CA ALA B 254 -5.31 -13.82 -13.63
C ALA B 254 -5.82 -14.65 -12.49
N ASP B 255 -7.14 -14.67 -12.33
CA ASP B 255 -7.72 -15.11 -11.10
C ASP B 255 -8.96 -15.98 -11.24
N GLY B 256 -9.27 -16.37 -12.49
CA GLY B 256 -10.43 -17.22 -12.76
C GLY B 256 -11.75 -16.58 -12.38
N GLY B 257 -11.72 -15.23 -12.26
CA GLY B 257 -12.90 -14.45 -11.87
C GLY B 257 -13.01 -14.08 -10.40
N MET B 258 -12.00 -14.40 -9.59
CA MET B 258 -12.10 -14.23 -8.13
C MET B 258 -12.42 -12.79 -7.66
N THR B 259 -11.79 -11.80 -8.30
CA THR B 259 -12.08 -10.37 -8.00
C THR B 259 -13.51 -9.92 -8.38
N LYS B 260 -14.27 -10.80 -9.04
CA LYS B 260 -15.65 -10.47 -9.41
C LYS B 260 -16.69 -10.79 -8.31
N TYR B 261 -16.22 -11.15 -7.10
CA TYR B 261 -17.05 -11.43 -5.91
C TYR B 261 -17.69 -12.82 -5.94
N PRO B 262 -16.94 -13.84 -5.49
CA PRO B 262 -17.45 -15.22 -5.56
C PRO B 262 -18.79 -15.44 -4.82
N SER B 263 -19.06 -14.67 -3.77
CA SER B 263 -20.32 -14.86 -3.04
C SER B 263 -21.57 -14.47 -3.87
N PHE B 264 -21.37 -13.81 -5.02
CA PHE B 264 -22.49 -13.37 -5.85
C PHE B 264 -22.82 -14.27 -7.04
N GLN B 265 -22.09 -15.38 -7.18
CA GLN B 265 -22.41 -16.43 -8.15
C GLN B 265 -23.85 -16.88 -8.02
N ALA B 266 -24.52 -17.11 -9.16
CA ALA B 266 -25.94 -17.51 -9.15
C ALA B 266 -26.12 -18.91 -8.58
#